data_8EGU
#
_entry.id   8EGU
#
_cell.length_a   111.159
_cell.length_b   111.159
_cell.length_c   141.744
_cell.angle_alpha   90
_cell.angle_beta   90
_cell.angle_gamma   120
#
_symmetry.space_group_name_H-M   'P 64 2 2'
#
loop_
_entity.id
_entity.type
_entity.pdbx_description
1 polymer '[3-methyl-2-oxobutanoate dehydrogenase [lipoamide]] kinase, mitochondrial'
2 non-polymer "ADENOSINE-5'-DIPHOSPHATE"
3 non-polymer '(2~{S})-3-methyl-2-[pentanoyl-[[4-[2-(2~{H}-1,2,3,4-tetrazol-5-yl)phenyl]phenyl]methyl]amino]butanoic acid'
4 non-polymer 'SULFATE ION'
5 water water
#
_entity_poly.entity_id   1
_entity_poly.type   'polypeptide(L)'
_entity_poly.pdbx_seq_one_letter_code
;STSATDTHHVELARERSKTVTSFYNQSAIDVVAEKPSVRLTPTMMLYSGRSQDGSHLLKSGRYLQQELPVRIAHRIKGFR
SLPFIIGCNPTILHVHELYIRAFQKLTDFPPIKDQADEAQYCQLVRQLLDDHKDVVTLLAEGLRESRKHIEDEKLVRYFL
DKTLTSRLGIRMLATHHLALHEDKPDFVGIICTRLSPKKIIEKWVDFARRLCEHKYGNAPRVRINGHVAARFPFIPMPLD
YILPELLKNAMRATMESHLDTPYNVPDVVITIANNDVDLIIRISDRGGGIAHKDLDRVMDYHFTTAEASTQDPRISPLFG
HLDMHSGGQSGPMHGFGFGLPTSRAYAEYLGGSLQLQSLQGIGTDVYLRLRHIDGREESFRIHHHHHH
;
_entity_poly.pdbx_strand_id   A
#
loop_
_chem_comp.id
_chem_comp.type
_chem_comp.name
_chem_comp.formula
ADP non-polymer ADENOSINE-5'-DIPHOSPHATE 'C10 H15 N5 O10 P2'
SO4 non-polymer 'SULFATE ION' 'O4 S -2'
U35 non-polymer '(2~{S})-3-methyl-2-[pentanoyl-[[4-[2-(2~{H}-1,2,3,4-tetrazol-5-yl)phenyl]phenyl]methyl]amino]butanoic acid' 'C24 H29 N5 O3'
#
# COMPACT_ATOMS: atom_id res chain seq x y z
N ASN A 25 1.39 -7.54 29.86
CA ASN A 25 1.79 -6.16 30.12
C ASN A 25 3.32 -6.05 30.22
N GLN A 26 4.01 -5.89 29.06
CA GLN A 26 5.47 -5.80 29.03
C GLN A 26 6.01 -4.36 28.96
N SER A 27 6.95 -4.06 29.87
CA SER A 27 7.53 -2.73 30.04
C SER A 27 8.40 -2.26 28.88
N ALA A 28 9.11 -3.17 28.15
CA ALA A 28 9.93 -2.73 27.02
C ALA A 28 9.05 -2.08 25.93
N ILE A 29 7.83 -2.60 25.74
CA ILE A 29 6.88 -2.01 24.79
C ILE A 29 6.47 -0.59 25.23
N ASP A 30 6.17 -0.40 26.53
CA ASP A 30 5.78 0.89 27.14
C ASP A 30 6.82 1.99 26.93
N VAL A 31 8.10 1.62 26.99
CA VAL A 31 9.20 2.55 26.82
C VAL A 31 9.20 3.22 25.42
N VAL A 32 8.83 2.50 24.35
CA VAL A 32 8.85 3.09 23.00
C VAL A 32 7.47 3.29 22.37
N ALA A 33 6.37 3.00 23.10
CA ALA A 33 5.01 3.12 22.58
C ALA A 33 4.64 4.55 22.16
N GLU A 34 5.16 5.57 22.87
CA GLU A 34 4.90 6.97 22.53
C GLU A 34 6.09 7.65 21.84
N LYS A 35 7.21 6.93 21.63
CA LYS A 35 8.39 7.54 21.02
C LYS A 35 8.09 7.92 19.57
N PRO A 36 8.29 9.20 19.21
CA PRO A 36 7.98 9.62 17.83
C PRO A 36 8.79 8.86 16.80
N SER A 37 8.15 8.48 15.70
CA SER A 37 8.85 7.78 14.62
C SER A 37 9.84 8.74 13.98
N VAL A 38 10.96 8.22 13.49
CA VAL A 38 11.92 9.01 12.73
C VAL A 38 11.89 8.45 11.30
N ARG A 39 11.45 9.29 10.37
CA ARG A 39 11.32 8.86 8.97
C ARG A 39 12.35 9.61 8.15
N LEU A 40 13.17 8.88 7.41
CA LEU A 40 14.16 9.55 6.55
C LEU A 40 13.41 10.01 5.29
N THR A 41 13.73 11.21 4.81
CA THR A 41 13.07 11.75 3.61
C THR A 41 13.63 11.01 2.39
N PRO A 42 12.81 10.62 1.40
CA PRO A 42 13.35 9.93 0.21
C PRO A 42 14.53 10.65 -0.44
N THR A 43 14.56 11.99 -0.33
CA THR A 43 15.66 12.82 -0.85
C THR A 43 16.97 12.45 -0.13
N MET A 44 16.94 12.36 1.22
CA MET A 44 18.09 11.97 2.05
C MET A 44 18.55 10.56 1.69
N MET A 45 17.59 9.65 1.43
CA MET A 45 17.86 8.26 1.09
C MET A 45 18.57 8.12 -0.24
N LEU A 46 18.21 8.98 -1.22
CA LEU A 46 18.84 9.00 -2.53
C LEU A 46 20.30 9.46 -2.44
N TYR A 47 20.60 10.37 -1.51
CA TYR A 47 21.95 10.88 -1.27
C TYR A 47 22.89 9.77 -0.76
N SER A 48 22.35 8.81 0.01
CA SER A 48 23.15 7.69 0.48
C SER A 48 23.08 6.54 -0.55
N GLY A 49 23.75 6.74 -1.68
CA GLY A 49 23.81 5.78 -2.77
C GLY A 49 25.23 5.52 -3.22
N ASP A 53 29.58 2.47 -0.02
CA ASP A 53 28.95 3.13 1.11
C ASP A 53 29.00 2.31 2.40
N GLY A 54 30.20 1.91 2.81
CA GLY A 54 30.38 1.12 4.02
C GLY A 54 30.04 1.85 5.30
N SER A 55 30.57 3.07 5.45
CA SER A 55 30.30 3.90 6.64
C SER A 55 28.84 4.42 6.65
N HIS A 56 28.18 4.51 5.47
CA HIS A 56 26.78 4.96 5.38
C HIS A 56 25.81 3.81 5.67
N LEU A 57 26.17 2.58 5.25
CA LEU A 57 25.32 1.41 5.50
C LEU A 57 25.30 1.04 6.98
N LEU A 58 26.44 1.26 7.69
CA LEU A 58 26.54 1.02 9.13
C LEU A 58 25.57 1.97 9.84
N LYS A 59 25.61 3.27 9.47
CA LYS A 59 24.78 4.29 10.07
C LYS A 59 23.28 4.05 9.84
N SER A 60 22.90 3.59 8.64
CA SER A 60 21.49 3.32 8.35
C SER A 60 21.02 1.98 8.94
N GLY A 61 21.91 1.00 9.04
CA GLY A 61 21.62 -0.29 9.64
C GLY A 61 21.35 -0.16 11.13
N ARG A 62 22.11 0.73 11.80
CA ARG A 62 21.91 1.02 13.22
C ARG A 62 20.51 1.65 13.40
N TYR A 63 20.17 2.60 12.51
CA TYR A 63 18.88 3.27 12.45
C TYR A 63 17.76 2.24 12.30
N LEU A 64 17.85 1.30 11.34
CA LEU A 64 16.81 0.30 11.12
C LEU A 64 16.46 -0.48 12.39
N GLN A 65 17.50 -1.01 13.05
CA GLN A 65 17.42 -1.80 14.27
C GLN A 65 16.62 -1.17 15.38
N GLN A 66 16.82 0.14 15.55
CA GLN A 66 16.22 0.98 16.57
C GLN A 66 14.86 1.53 16.17
N GLU A 67 14.58 1.61 14.87
CA GLU A 67 13.31 2.15 14.38
C GLU A 67 12.21 1.11 14.34
N LEU A 68 12.52 -0.11 13.86
CA LEU A 68 11.55 -1.20 13.72
C LEU A 68 10.78 -1.49 15.01
N PRO A 69 11.42 -1.66 16.20
CA PRO A 69 10.62 -1.86 17.43
C PRO A 69 9.69 -0.71 17.77
N VAL A 70 10.09 0.54 17.48
CA VAL A 70 9.22 1.69 17.72
C VAL A 70 7.95 1.61 16.82
N ARG A 71 8.11 1.21 15.55
CA ARG A 71 6.96 1.08 14.63
C ARG A 71 6.02 0.00 15.12
N ILE A 72 6.59 -1.12 15.60
CA ILE A 72 5.80 -2.23 16.11
C ILE A 72 5.08 -1.86 17.41
N ALA A 73 5.75 -1.14 18.34
CA ALA A 73 5.18 -0.69 19.61
C ALA A 73 4.02 0.28 19.40
N HIS A 74 4.10 1.12 18.34
CA HIS A 74 2.98 2.02 18.01
C HIS A 74 1.73 1.20 17.66
N ARG A 75 1.91 0.08 16.96
CA ARG A 75 0.79 -0.78 16.58
C ARG A 75 0.27 -1.58 17.76
N ILE A 76 1.17 -2.02 18.66
CA ILE A 76 0.75 -2.69 19.88
C ILE A 76 -0.09 -1.71 20.75
N LYS A 77 0.32 -0.45 20.81
CA LYS A 77 -0.43 0.58 21.54
C LYS A 77 -1.86 0.72 20.94
N GLY A 78 -1.97 0.58 19.63
CA GLY A 78 -3.24 0.61 18.90
C GLY A 78 -4.18 -0.49 19.36
N PHE A 79 -3.65 -1.74 19.50
CA PHE A 79 -4.41 -2.88 19.99
C PHE A 79 -4.82 -2.69 21.44
N ARG A 80 -3.92 -2.13 22.29
CA ARG A 80 -4.22 -1.87 23.69
C ARG A 80 -5.31 -0.80 23.85
N SER A 81 -5.43 0.13 22.88
CA SER A 81 -6.41 1.21 22.90
C SER A 81 -7.77 0.85 22.31
N LEU A 82 -7.92 -0.33 21.69
CA LEU A 82 -9.23 -0.78 21.19
C LEU A 82 -10.18 -0.94 22.39
N PRO A 83 -11.51 -0.75 22.23
CA PRO A 83 -12.41 -1.07 23.34
C PRO A 83 -12.20 -2.54 23.75
N PHE A 84 -12.24 -2.83 25.04
CA PHE A 84 -11.98 -4.15 25.59
C PHE A 84 -12.65 -5.31 24.82
N ILE A 85 -13.99 -5.21 24.56
CA ILE A 85 -14.77 -6.25 23.89
C ILE A 85 -14.23 -6.57 22.47
N ILE A 86 -13.72 -5.55 21.78
CA ILE A 86 -13.13 -5.72 20.47
C ILE A 86 -11.76 -6.34 20.56
N GLY A 87 -10.92 -5.82 21.45
CA GLY A 87 -9.58 -6.36 21.67
C GLY A 87 -9.60 -7.80 22.15
N CYS A 88 -10.74 -8.26 22.67
CA CYS A 88 -10.95 -9.63 23.15
C CYS A 88 -11.34 -10.62 22.07
N ASN A 89 -11.56 -10.17 20.82
CA ASN A 89 -11.87 -11.06 19.71
C ASN A 89 -10.65 -12.00 19.52
N PRO A 90 -10.85 -13.32 19.46
CA PRO A 90 -9.70 -14.23 19.38
C PRO A 90 -8.79 -14.00 18.17
N THR A 91 -9.34 -13.47 17.07
CA THR A 91 -8.53 -13.18 15.90
C THR A 91 -7.73 -11.91 16.15
N ILE A 92 -8.37 -10.86 16.66
CA ILE A 92 -7.65 -9.62 16.99
C ILE A 92 -6.58 -9.89 18.10
N LEU A 93 -6.93 -10.70 19.13
CA LEU A 93 -6.03 -11.12 20.20
C LEU A 93 -4.81 -11.87 19.64
N HIS A 94 -5.04 -12.81 18.72
CA HIS A 94 -3.98 -13.57 18.07
C HIS A 94 -3.04 -12.63 17.30
N VAL A 95 -3.58 -11.65 16.60
CA VAL A 95 -2.77 -10.69 15.84
C VAL A 95 -1.95 -9.77 16.78
N HIS A 96 -2.54 -9.37 17.89
CA HIS A 96 -1.89 -8.58 18.94
C HIS A 96 -0.68 -9.37 19.50
N GLU A 97 -0.85 -10.68 19.70
CA GLU A 97 0.24 -11.54 20.16
C GLU A 97 1.37 -11.61 19.12
N LEU A 98 1.01 -11.67 17.81
CA LEU A 98 2.01 -11.70 16.72
C LEU A 98 2.88 -10.47 16.77
N TYR A 99 2.27 -9.29 16.98
CA TYR A 99 2.98 -8.02 17.10
C TYR A 99 3.93 -8.04 18.31
N ILE A 100 3.46 -8.51 19.48
CA ILE A 100 4.31 -8.63 20.69
C ILE A 100 5.53 -9.56 20.43
N ARG A 101 5.29 -10.72 19.81
CA ARG A 101 6.34 -11.70 19.50
C ARG A 101 7.37 -11.13 18.53
N ALA A 102 6.93 -10.28 17.58
CA ALA A 102 7.82 -9.64 16.62
C ALA A 102 8.65 -8.60 17.35
N PHE A 103 8.03 -7.80 18.24
CA PHE A 103 8.74 -6.81 19.03
C PHE A 103 9.86 -7.49 19.87
N GLN A 104 9.55 -8.64 20.48
CA GLN A 104 10.50 -9.37 21.31
C GLN A 104 11.70 -9.83 20.50
N LYS A 105 11.47 -10.40 19.29
CA LYS A 105 12.54 -10.84 18.39
C LYS A 105 13.44 -9.69 17.92
N LEU A 106 12.83 -8.54 17.58
CA LEU A 106 13.60 -7.37 17.13
C LEU A 106 14.37 -6.66 18.26
N THR A 107 13.94 -6.81 19.53
CA THR A 107 14.66 -6.15 20.63
C THR A 107 15.72 -7.06 21.25
N ASP A 108 15.58 -8.39 21.12
CA ASP A 108 16.57 -9.32 21.68
C ASP A 108 17.93 -9.19 20.99
N PHE A 109 17.94 -8.78 19.70
CA PHE A 109 19.15 -8.60 18.90
C PHE A 109 20.04 -7.49 19.48
N PRO A 110 21.35 -7.76 19.66
CA PRO A 110 22.23 -6.77 20.29
C PRO A 110 22.54 -5.55 19.40
N PRO A 111 22.89 -4.40 20.00
CA PRO A 111 23.16 -3.19 19.20
C PRO A 111 24.32 -3.30 18.22
N ILE A 112 24.12 -2.79 17.00
CA ILE A 112 25.11 -2.83 15.92
C ILE A 112 26.32 -1.95 16.21
N LYS A 113 27.52 -2.53 16.14
CA LYS A 113 28.75 -1.80 16.41
C LYS A 113 29.63 -1.65 15.18
N ASP A 114 29.55 -2.60 14.25
CA ASP A 114 30.38 -2.58 13.05
C ASP A 114 29.59 -3.05 11.80
N GLN A 115 30.25 -3.11 10.64
CA GLN A 115 29.69 -3.57 9.37
C GLN A 115 29.19 -5.01 9.46
N ALA A 116 29.88 -5.86 10.25
CA ALA A 116 29.50 -7.25 10.44
C ALA A 116 28.20 -7.35 11.26
N ASP A 117 28.03 -6.50 12.28
CA ASP A 117 26.80 -6.51 13.08
C ASP A 117 25.60 -6.03 12.25
N GLU A 118 25.85 -5.12 11.30
CA GLU A 118 24.85 -4.57 10.40
C GLU A 118 24.35 -5.66 9.45
N ALA A 119 25.25 -6.53 8.98
CA ALA A 119 24.90 -7.61 8.08
C ALA A 119 24.18 -8.78 8.78
N GLN A 120 24.42 -8.97 10.08
CA GLN A 120 23.70 -10.02 10.82
C GLN A 120 22.23 -9.61 11.02
N TYR A 121 21.99 -8.31 11.23
CA TYR A 121 20.65 -7.80 11.44
C TYR A 121 19.79 -7.87 10.17
N CYS A 122 20.39 -7.74 8.95
CA CYS A 122 19.64 -7.82 7.68
C CYS A 122 18.94 -9.16 7.53
N GLN A 123 19.60 -10.23 7.96
CA GLN A 123 19.07 -11.58 7.81
C GLN A 123 17.88 -11.83 8.71
N LEU A 124 17.86 -11.23 9.90
CA LEU A 124 16.74 -11.35 10.84
C LEU A 124 15.53 -10.62 10.24
N VAL A 125 15.76 -9.42 9.69
CA VAL A 125 14.79 -8.59 8.99
C VAL A 125 14.10 -9.35 7.87
N ARG A 126 14.86 -10.11 7.04
CA ARG A 126 14.29 -10.85 5.92
C ARG A 126 13.37 -11.97 6.39
N GLN A 127 13.77 -12.68 7.46
CA GLN A 127 12.97 -13.78 8.00
C GLN A 127 11.66 -13.27 8.66
N LEU A 128 11.71 -12.08 9.25
CA LEU A 128 10.52 -11.49 9.85
C LEU A 128 9.58 -10.85 8.80
N LEU A 129 10.14 -10.37 7.67
CA LEU A 129 9.36 -9.76 6.58
C LEU A 129 8.57 -10.84 5.86
N ASP A 130 9.22 -11.97 5.56
CA ASP A 130 8.56 -13.08 4.87
C ASP A 130 7.94 -14.06 5.88
N ASP A 131 7.51 -13.58 7.06
CA ASP A 131 7.00 -14.45 8.09
C ASP A 131 5.62 -15.12 7.75
N HIS A 132 4.50 -14.78 8.45
CA HIS A 132 3.28 -15.56 8.28
C HIS A 132 1.88 -14.83 8.34
N LYS A 133 0.82 -15.68 8.41
CA LYS A 133 -0.61 -15.49 8.66
C LYS A 133 -1.41 -14.71 7.62
N ASP A 134 -0.90 -13.55 7.18
CA ASP A 134 -1.59 -12.56 6.36
C ASP A 134 -2.41 -11.81 7.41
N VAL A 135 -1.69 -11.03 8.23
CA VAL A 135 -2.24 -10.25 9.33
C VAL A 135 -3.43 -9.40 8.92
N VAL A 136 -3.33 -8.67 7.79
CA VAL A 136 -4.38 -7.78 7.28
C VAL A 136 -5.72 -8.50 7.15
N THR A 137 -5.69 -9.70 6.58
CA THR A 137 -6.86 -10.56 6.36
C THR A 137 -7.49 -10.96 7.69
N LEU A 138 -6.66 -11.40 8.64
CA LEU A 138 -7.11 -11.77 9.97
C LEU A 138 -7.73 -10.56 10.71
N LEU A 139 -7.09 -9.38 10.64
CA LEU A 139 -7.61 -8.18 11.28
C LEU A 139 -9.00 -7.76 10.82
N ALA A 140 -9.21 -7.69 9.50
CA ALA A 140 -10.51 -7.31 8.95
C ALA A 140 -11.57 -8.36 9.27
N GLU A 141 -11.17 -9.64 9.33
CA GLU A 141 -12.09 -10.71 9.71
C GLU A 141 -12.52 -10.52 11.17
N GLY A 142 -11.56 -10.25 12.05
CA GLY A 142 -11.81 -10.00 13.47
C GLY A 142 -12.69 -8.80 13.69
N LEU A 143 -12.44 -7.71 12.95
CA LEU A 143 -13.23 -6.49 13.04
C LEU A 143 -14.67 -6.67 12.56
N ARG A 144 -14.85 -7.55 11.55
CA ARG A 144 -16.14 -7.92 10.99
C ARG A 144 -16.93 -8.74 12.02
N GLU A 145 -16.27 -9.73 12.67
CA GLU A 145 -16.89 -10.55 13.73
C GLU A 145 -17.36 -9.70 14.92
N SER A 146 -16.71 -8.54 15.16
CA SER A 146 -17.02 -7.64 16.28
C SER A 146 -17.94 -6.49 15.91
N ARG A 147 -18.46 -6.44 14.69
CA ARG A 147 -19.27 -5.33 14.20
C ARG A 147 -20.50 -5.04 15.11
N LYS A 148 -21.10 -6.08 15.75
CA LYS A 148 -22.21 -5.86 16.66
C LYS A 148 -21.85 -4.99 17.87
N HIS A 149 -20.55 -4.94 18.23
CA HIS A 149 -20.09 -4.13 19.36
C HIS A 149 -19.41 -2.82 18.95
N ILE A 150 -19.35 -2.52 17.65
CA ILE A 150 -18.72 -1.31 17.16
C ILE A 150 -19.77 -0.19 17.03
N GLU A 151 -19.61 0.83 17.86
CA GLU A 151 -20.51 2.00 17.92
C GLU A 151 -19.97 3.19 17.13
N ASP A 152 -18.65 3.33 17.06
CA ASP A 152 -18.01 4.41 16.32
C ASP A 152 -18.06 4.03 14.85
N GLU A 153 -18.80 4.79 14.05
CA GLU A 153 -18.97 4.54 12.62
C GLU A 153 -17.64 4.59 11.84
N LYS A 154 -16.61 5.24 12.38
CA LYS A 154 -15.32 5.37 11.71
C LYS A 154 -14.20 4.54 12.32
N LEU A 155 -14.45 3.80 13.41
CA LEU A 155 -13.43 3.00 14.07
C LEU A 155 -12.73 2.00 13.16
N VAL A 156 -13.50 1.25 12.38
CA VAL A 156 -12.94 0.23 11.48
C VAL A 156 -12.09 0.86 10.39
N ARG A 157 -12.58 1.93 9.78
CA ARG A 157 -11.89 2.62 8.70
C ARG A 157 -10.57 3.21 9.20
N TYR A 158 -10.60 3.82 10.40
CA TYR A 158 -9.40 4.41 10.97
C TYR A 158 -8.38 3.34 11.39
N PHE A 159 -8.82 2.27 12.06
CA PHE A 159 -7.92 1.21 12.48
C PHE A 159 -7.26 0.53 11.29
N LEU A 160 -8.04 0.18 10.24
CA LEU A 160 -7.51 -0.47 9.06
C LEU A 160 -6.63 0.46 8.24
N ASP A 161 -6.97 1.79 8.11
CA ASP A 161 -6.06 2.72 7.40
C ASP A 161 -4.69 2.77 8.10
N LYS A 162 -4.69 2.89 9.45
CA LYS A 162 -3.46 2.98 10.20
C LYS A 162 -2.68 1.70 10.12
N THR A 163 -3.36 0.56 10.19
CA THR A 163 -2.68 -0.73 10.07
C THR A 163 -2.01 -0.88 8.70
N LEU A 164 -2.73 -0.52 7.62
CA LEU A 164 -2.18 -0.63 6.28
C LEU A 164 -1.02 0.31 6.01
N THR A 165 -1.12 1.59 6.41
CA THR A 165 -0.03 2.54 6.18
C THR A 165 1.17 2.24 7.07
N SER A 166 0.94 1.79 8.31
CA SER A 166 2.07 1.44 9.20
C SER A 166 2.82 0.25 8.64
N ARG A 167 2.10 -0.80 8.20
CA ARG A 167 2.74 -2.00 7.63
C ARG A 167 3.48 -1.66 6.32
N LEU A 168 2.95 -0.71 5.54
CA LEU A 168 3.61 -0.27 4.31
C LEU A 168 4.89 0.47 4.68
N GLY A 169 4.82 1.34 5.67
CA GLY A 169 5.98 2.06 6.18
C GLY A 169 7.06 1.12 6.69
N ILE A 170 6.67 0.07 7.44
CA ILE A 170 7.58 -0.96 7.94
C ILE A 170 8.25 -1.68 6.74
N ARG A 171 7.42 -2.10 5.76
CA ARG A 171 7.87 -2.76 4.55
C ARG A 171 8.87 -1.89 3.79
N MET A 172 8.55 -0.61 3.56
CA MET A 172 9.45 0.29 2.86
C MET A 172 10.78 0.45 3.60
N LEU A 173 10.73 0.65 4.93
CA LEU A 173 11.92 0.79 5.79
C LEU A 173 12.88 -0.42 5.64
N ALA A 174 12.36 -1.64 5.88
CA ALA A 174 13.10 -2.88 5.84
C ALA A 174 13.55 -3.30 4.43
N THR A 175 12.63 -3.29 3.43
CA THR A 175 12.97 -3.67 2.06
C THR A 175 13.98 -2.68 1.46
N HIS A 176 13.90 -1.38 1.81
CA HIS A 176 14.85 -0.42 1.28
C HIS A 176 16.25 -0.71 1.77
N HIS A 177 16.42 -0.87 3.10
CA HIS A 177 17.73 -1.13 3.68
C HIS A 177 18.38 -2.40 3.11
N LEU A 178 17.60 -3.47 2.93
CA LEU A 178 18.07 -4.71 2.33
C LEU A 178 18.56 -4.48 0.88
N ALA A 179 17.79 -3.70 0.10
CA ALA A 179 18.10 -3.41 -1.29
C ALA A 179 19.32 -2.51 -1.47
N LEU A 180 19.72 -1.74 -0.42
CA LEU A 180 20.92 -0.89 -0.46
C LEU A 180 22.22 -1.73 -0.49
N HIS A 181 22.16 -2.99 -0.07
CA HIS A 181 23.31 -3.88 -0.14
C HIS A 181 23.43 -4.45 -1.57
N GLU A 182 22.29 -4.72 -2.24
CA GLU A 182 22.23 -5.24 -3.59
C GLU A 182 22.40 -4.13 -4.64
N ASP A 183 22.78 -4.48 -5.87
CA ASP A 183 22.98 -3.47 -6.92
C ASP A 183 22.12 -3.70 -8.15
N LYS A 184 21.02 -2.97 -8.25
CA LYS A 184 20.14 -3.03 -9.41
C LYS A 184 20.29 -1.75 -10.21
N PRO A 185 20.30 -1.85 -11.54
CA PRO A 185 20.39 -0.63 -12.36
C PRO A 185 19.14 0.23 -12.18
N ASP A 186 19.34 1.56 -12.10
CA ASP A 186 18.29 2.55 -11.96
C ASP A 186 17.59 2.52 -10.60
N PHE A 187 18.23 1.95 -9.57
CA PHE A 187 17.64 1.90 -8.24
C PHE A 187 18.65 2.22 -7.17
N VAL A 188 18.21 2.94 -6.14
CA VAL A 188 18.99 3.21 -4.95
C VAL A 188 18.04 2.63 -3.90
N GLY A 189 18.30 1.40 -3.49
CA GLY A 189 17.41 0.68 -2.59
C GLY A 189 16.11 0.38 -3.34
N ILE A 190 14.95 0.78 -2.78
CA ILE A 190 13.65 0.60 -3.45
C ILE A 190 13.22 1.83 -4.29
N ILE A 191 14.07 2.86 -4.35
CA ILE A 191 13.75 4.06 -5.09
C ILE A 191 14.30 3.96 -6.48
N CYS A 192 13.42 3.95 -7.48
CA CYS A 192 13.85 3.96 -8.87
C CYS A 192 14.25 5.39 -9.20
N THR A 193 15.42 5.59 -9.79
CA THR A 193 15.91 6.92 -10.13
C THR A 193 15.32 7.49 -11.43
N ARG A 194 14.84 6.59 -12.32
N ARG A 194 14.73 6.65 -12.28
CA ARG A 194 14.31 6.86 -13.66
CA ARG A 194 14.18 7.14 -13.55
C ARG A 194 12.98 6.08 -13.87
C ARG A 194 12.94 6.34 -13.93
N LEU A 195 11.97 6.30 -13.01
CA LEU A 195 10.69 5.58 -13.18
C LEU A 195 9.85 6.18 -14.29
N SER A 196 9.36 5.34 -15.20
CA SER A 196 8.46 5.79 -16.25
C SER A 196 7.05 5.40 -15.87
N PRO A 197 6.13 6.34 -15.58
CA PRO A 197 4.74 5.93 -15.28
C PRO A 197 4.11 5.16 -16.44
N LYS A 198 4.42 5.51 -17.70
CA LYS A 198 3.84 4.80 -18.85
C LYS A 198 4.25 3.32 -18.83
N LYS A 199 5.52 3.00 -18.53
CA LYS A 199 5.98 1.62 -18.46
C LYS A 199 5.35 0.83 -17.32
N ILE A 200 5.28 1.40 -16.12
CA ILE A 200 4.71 0.69 -14.99
C ILE A 200 3.18 0.49 -15.20
N ILE A 201 2.51 1.48 -15.83
CA ILE A 201 1.11 1.36 -16.20
C ILE A 201 0.98 0.24 -17.26
N GLU A 202 1.78 0.26 -18.33
CA GLU A 202 1.75 -0.79 -19.36
C GLU A 202 1.93 -2.18 -18.80
N LYS A 203 2.83 -2.34 -17.83
CA LYS A 203 3.05 -3.63 -17.20
C LYS A 203 1.77 -4.16 -16.54
N TRP A 204 1.07 -3.30 -15.80
CA TRP A 204 -0.15 -3.71 -15.13
C TRP A 204 -1.34 -3.81 -16.09
N VAL A 205 -1.35 -3.03 -17.19
CA VAL A 205 -2.42 -3.11 -18.21
C VAL A 205 -2.42 -4.51 -18.82
N ASP A 206 -1.24 -5.02 -19.18
CA ASP A 206 -1.09 -6.34 -19.78
C ASP A 206 -1.54 -7.44 -18.81
N PHE A 207 -1.20 -7.32 -17.53
CA PHE A 207 -1.64 -8.27 -16.50
C PHE A 207 -3.18 -8.25 -16.39
N ALA A 208 -3.77 -7.05 -16.24
CA ALA A 208 -5.22 -6.84 -16.11
C ALA A 208 -6.02 -7.31 -17.34
N ARG A 209 -5.56 -6.99 -18.57
CA ARG A 209 -6.20 -7.39 -19.82
C ARG A 209 -6.24 -8.89 -19.97
N ARG A 210 -5.16 -9.59 -19.60
CA ARG A 210 -5.12 -11.06 -19.67
C ARG A 210 -6.18 -11.68 -18.73
N LEU A 211 -6.32 -11.14 -17.50
CA LEU A 211 -7.30 -11.65 -16.55
C LEU A 211 -8.73 -11.33 -17.01
N CYS A 212 -8.94 -10.13 -17.57
CA CYS A 212 -10.24 -9.70 -18.05
C CYS A 212 -10.65 -10.53 -19.30
N GLU A 213 -9.70 -10.77 -20.21
CA GLU A 213 -9.93 -11.57 -21.41
C GLU A 213 -10.32 -12.99 -21.07
N HIS A 214 -9.73 -13.56 -20.03
CA HIS A 214 -10.02 -14.92 -19.60
C HIS A 214 -11.44 -15.03 -19.07
N LYS A 215 -11.90 -13.99 -18.34
CA LYS A 215 -13.23 -13.96 -17.74
C LYS A 215 -14.38 -13.74 -18.75
N TYR A 216 -14.27 -12.74 -19.61
CA TYR A 216 -15.34 -12.35 -20.54
C TYR A 216 -15.12 -12.72 -22.00
N GLY A 217 -13.92 -13.18 -22.36
CA GLY A 217 -13.60 -13.47 -23.76
C GLY A 217 -13.11 -12.23 -24.51
N ASN A 218 -12.98 -11.10 -23.79
CA ASN A 218 -12.57 -9.80 -24.34
C ASN A 218 -12.21 -8.88 -23.16
N ALA A 219 -11.53 -7.78 -23.45
CA ALA A 219 -11.15 -6.80 -22.45
C ALA A 219 -11.13 -5.44 -23.13
N PRO A 220 -11.42 -4.36 -22.40
CA PRO A 220 -11.31 -3.02 -23.01
C PRO A 220 -9.84 -2.74 -23.40
N ARG A 221 -9.63 -2.06 -24.50
CA ARG A 221 -8.28 -1.63 -24.86
C ARG A 221 -7.93 -0.39 -23.97
N VAL A 222 -6.67 -0.27 -23.56
CA VAL A 222 -6.23 0.85 -22.75
C VAL A 222 -5.35 1.79 -23.52
N ARG A 223 -5.77 3.04 -23.70
CA ARG A 223 -4.93 4.03 -24.35
C ARG A 223 -4.25 4.88 -23.29
N ILE A 224 -3.00 5.28 -23.55
CA ILE A 224 -2.25 6.10 -22.60
C ILE A 224 -1.85 7.37 -23.33
N ASN A 225 -2.20 8.54 -22.78
CA ASN A 225 -1.85 9.80 -23.43
C ASN A 225 -1.30 10.81 -22.39
N GLY A 226 -1.01 12.03 -22.83
CA GLY A 226 -0.41 13.03 -21.96
C GLY A 226 1.11 12.94 -21.99
N HIS A 227 1.75 13.11 -20.84
CA HIS A 227 3.22 13.12 -20.74
C HIS A 227 3.80 11.70 -20.70
N VAL A 228 3.67 11.00 -21.82
CA VAL A 228 4.05 9.61 -22.02
C VAL A 228 5.55 9.40 -21.90
N ALA A 229 6.39 10.42 -22.15
CA ALA A 229 7.84 10.29 -22.01
C ALA A 229 8.39 10.67 -20.64
N ALA A 230 7.51 11.04 -19.68
CA ALA A 230 7.95 11.41 -18.33
C ALA A 230 8.71 10.27 -17.61
N ARG A 231 9.81 10.66 -16.95
CA ARG A 231 10.66 9.79 -16.16
C ARG A 231 11.16 10.62 -15.00
N PHE A 232 11.09 10.08 -13.79
CA PHE A 232 11.50 10.79 -12.60
C PHE A 232 11.79 9.81 -11.46
N PRO A 233 12.55 10.25 -10.43
CA PRO A 233 12.76 9.38 -9.27
C PRO A 233 11.46 9.15 -8.53
N PHE A 234 11.16 7.89 -8.27
CA PHE A 234 9.95 7.53 -7.54
C PHE A 234 10.08 6.12 -6.94
N ILE A 235 9.21 5.76 -6.00
CA ILE A 235 9.18 4.42 -5.42
C ILE A 235 8.01 3.63 -6.03
N PRO A 236 8.32 2.62 -6.85
CA PRO A 236 7.23 1.88 -7.53
C PRO A 236 6.40 0.92 -6.68
N MET A 237 6.95 0.36 -5.60
CA MET A 237 6.23 -0.63 -4.78
C MET A 237 4.73 -0.29 -4.48
N PRO A 238 4.33 0.91 -4.01
CA PRO A 238 2.90 1.14 -3.75
C PRO A 238 2.05 1.21 -5.03
N LEU A 239 2.66 1.58 -6.18
CA LEU A 239 1.97 1.57 -7.48
C LEU A 239 1.65 0.15 -7.91
N ASP A 240 2.49 -0.84 -7.52
CA ASP A 240 2.28 -2.26 -7.79
C ASP A 240 1.03 -2.80 -7.07
N TYR A 241 0.45 -2.06 -6.11
CA TYR A 241 -0.83 -2.44 -5.52
C TYR A 241 -1.91 -1.57 -6.18
N ILE A 242 -1.68 -0.26 -6.25
CA ILE A 242 -2.71 0.68 -6.70
C ILE A 242 -3.12 0.52 -8.16
N LEU A 243 -2.16 0.50 -9.08
CA LEU A 243 -2.47 0.41 -10.50
C LEU A 243 -3.28 -0.84 -10.91
N PRO A 244 -2.89 -2.08 -10.54
CA PRO A 244 -3.70 -3.23 -10.98
C PRO A 244 -5.11 -3.20 -10.40
N GLU A 245 -5.28 -2.63 -9.19
CA GLU A 245 -6.59 -2.53 -8.56
C GLU A 245 -7.51 -1.58 -9.30
N LEU A 246 -7.02 -0.38 -9.63
CA LEU A 246 -7.79 0.63 -10.35
C LEU A 246 -8.10 0.19 -11.78
N LEU A 247 -7.13 -0.50 -12.42
CA LEU A 247 -7.30 -1.04 -13.76
C LEU A 247 -8.35 -2.13 -13.73
N LYS A 248 -8.34 -2.99 -12.70
CA LYS A 248 -9.36 -4.03 -12.58
C LYS A 248 -10.74 -3.38 -12.40
N ASN A 249 -10.82 -2.35 -11.57
CA ASN A 249 -12.08 -1.64 -11.32
C ASN A 249 -12.64 -1.06 -12.60
N ALA A 250 -11.80 -0.40 -13.42
CA ALA A 250 -12.25 0.23 -14.65
C ALA A 250 -12.62 -0.79 -15.72
N MET A 251 -11.82 -1.86 -15.85
CA MET A 251 -12.11 -2.89 -16.84
C MET A 251 -13.36 -3.68 -16.47
N ARG A 252 -13.52 -4.07 -15.19
CA ARG A 252 -14.69 -4.81 -14.72
C ARG A 252 -15.97 -4.00 -14.92
N ALA A 253 -15.94 -2.70 -14.53
CA ALA A 253 -17.09 -1.83 -14.70
C ALA A 253 -17.45 -1.69 -16.18
N THR A 254 -16.45 -1.53 -17.06
CA THR A 254 -16.71 -1.45 -18.49
C THR A 254 -17.38 -2.74 -19.01
N MET A 255 -16.87 -3.93 -18.60
CA MET A 255 -17.44 -5.19 -19.08
C MET A 255 -18.85 -5.43 -18.53
N GLU A 256 -19.06 -5.21 -17.22
CA GLU A 256 -20.40 -5.39 -16.63
C GLU A 256 -21.47 -4.46 -17.23
N SER A 257 -21.02 -3.29 -17.65
CA SER A 257 -21.76 -2.21 -18.28
C SER A 257 -22.10 -2.49 -19.75
N HIS A 258 -21.35 -3.39 -20.41
CA HIS A 258 -21.57 -3.69 -21.82
C HIS A 258 -21.70 -5.20 -22.03
N LEU A 259 -22.39 -5.89 -21.12
CA LEU A 259 -22.54 -7.34 -21.21
C LEU A 259 -23.30 -7.79 -22.43
N ASP A 260 -24.19 -6.93 -22.96
CA ASP A 260 -24.99 -7.21 -24.16
C ASP A 260 -24.14 -7.12 -25.45
N THR A 261 -23.03 -6.36 -25.43
CA THR A 261 -22.14 -6.28 -26.60
C THR A 261 -20.72 -6.56 -26.05
N PRO A 262 -20.42 -7.80 -25.58
CA PRO A 262 -19.13 -8.03 -24.90
C PRO A 262 -17.88 -7.92 -25.76
N TYR A 263 -18.03 -7.98 -27.09
CA TYR A 263 -16.89 -7.89 -27.99
C TYR A 263 -16.71 -6.50 -28.61
N ASN A 264 -17.52 -5.52 -28.19
CA ASN A 264 -17.43 -4.15 -28.67
C ASN A 264 -17.64 -3.24 -27.45
N VAL A 265 -16.55 -2.99 -26.68
CA VAL A 265 -16.62 -2.21 -25.46
C VAL A 265 -15.73 -0.98 -25.57
N PRO A 266 -16.10 0.12 -24.88
CA PRO A 266 -15.26 1.33 -24.98
C PRO A 266 -13.93 1.20 -24.27
N ASP A 267 -12.96 1.94 -24.79
CA ASP A 267 -11.60 1.99 -24.26
C ASP A 267 -11.56 2.58 -22.87
N VAL A 268 -10.55 2.18 -22.12
CA VAL A 268 -10.20 2.80 -20.85
C VAL A 268 -9.06 3.79 -21.24
N VAL A 269 -9.19 5.06 -20.87
CA VAL A 269 -8.22 6.08 -21.27
C VAL A 269 -7.46 6.59 -20.06
N ILE A 270 -6.13 6.49 -20.09
CA ILE A 270 -5.28 6.91 -18.99
C ILE A 270 -4.44 8.11 -19.40
N THR A 271 -4.52 9.20 -18.62
CA THR A 271 -3.71 10.38 -18.92
C THR A 271 -2.65 10.60 -17.84
N ILE A 272 -1.43 10.90 -18.29
CA ILE A 272 -0.31 11.20 -17.43
C ILE A 272 -0.05 12.71 -17.46
N ALA A 273 -0.01 13.35 -16.30
CA ALA A 273 0.29 14.77 -16.22
C ALA A 273 1.45 14.92 -15.27
N ASN A 274 2.56 15.46 -15.76
CA ASN A 274 3.77 15.61 -14.94
C ASN A 274 4.16 17.07 -14.79
N ASN A 275 4.28 17.53 -13.55
CA ASN A 275 4.68 18.90 -13.27
C ASN A 275 5.74 18.87 -12.15
N ASP A 276 6.22 20.03 -11.67
CA ASP A 276 7.24 20.06 -10.59
C ASP A 276 6.75 19.58 -9.26
N VAL A 277 5.46 19.72 -8.97
CA VAL A 277 4.91 19.36 -7.68
C VAL A 277 4.49 17.87 -7.57
N ASP A 278 3.68 17.41 -8.53
CA ASP A 278 3.17 16.05 -8.47
C ASP A 278 3.04 15.37 -9.85
N LEU A 279 2.68 14.09 -9.84
CA LEU A 279 2.44 13.27 -11.01
C LEU A 279 0.97 12.91 -10.87
N ILE A 280 0.18 13.18 -11.90
CA ILE A 280 -1.24 12.84 -11.87
C ILE A 280 -1.48 11.76 -12.91
N ILE A 281 -2.16 10.67 -12.51
CA ILE A 281 -2.59 9.63 -13.40
C ILE A 281 -4.08 9.60 -13.35
N ARG A 282 -4.74 9.94 -14.46
CA ARG A 282 -6.19 9.94 -14.51
C ARG A 282 -6.62 8.70 -15.28
N ILE A 283 -7.49 7.87 -14.68
CA ILE A 283 -8.00 6.68 -15.33
C ILE A 283 -9.47 6.90 -15.58
N SER A 284 -9.85 7.08 -16.86
CA SER A 284 -11.22 7.35 -17.26
C SER A 284 -11.79 6.17 -17.98
N ASP A 285 -12.94 5.71 -17.54
CA ASP A 285 -13.65 4.62 -18.15
C ASP A 285 -15.06 5.07 -18.55
N ARG A 286 -15.75 4.22 -19.30
CA ARG A 286 -17.14 4.35 -19.68
C ARG A 286 -17.86 3.12 -19.11
N GLY A 287 -17.66 2.87 -17.82
CA GLY A 287 -18.25 1.73 -17.14
C GLY A 287 -19.56 1.98 -16.43
N GLY A 288 -20.25 3.07 -16.76
CA GLY A 288 -21.55 3.34 -16.17
C GLY A 288 -21.57 4.19 -14.90
N GLY A 289 -20.41 4.35 -14.28
CA GLY A 289 -20.26 5.17 -13.08
C GLY A 289 -20.44 4.43 -11.78
N ILE A 290 -20.20 5.13 -10.68
CA ILE A 290 -20.48 4.59 -9.35
C ILE A 290 -21.85 5.20 -8.95
N ALA A 291 -22.89 4.37 -8.78
CA ALA A 291 -24.23 4.85 -8.45
C ALA A 291 -24.28 5.76 -7.21
N HIS A 292 -25.21 6.70 -7.23
CA HIS A 292 -25.44 7.64 -6.12
C HIS A 292 -25.66 6.91 -4.79
N LYS A 293 -26.36 5.75 -4.83
CA LYS A 293 -26.62 4.94 -3.64
C LYS A 293 -25.37 4.25 -3.07
N ASP A 294 -24.33 4.05 -3.88
CA ASP A 294 -23.09 3.40 -3.41
C ASP A 294 -21.94 4.35 -3.14
N LEU A 295 -22.01 5.58 -3.61
CA LEU A 295 -20.91 6.55 -3.55
C LEU A 295 -20.35 6.83 -2.17
N ASP A 296 -21.21 6.88 -1.15
CA ASP A 296 -20.74 7.10 0.21
C ASP A 296 -20.37 5.78 0.92
N ARG A 297 -20.23 4.67 0.18
CA ARG A 297 -19.84 3.39 0.72
C ARG A 297 -18.61 2.80 0.02
N VAL A 298 -18.28 3.24 -1.22
CA VAL A 298 -17.16 2.69 -1.99
C VAL A 298 -15.82 2.80 -1.28
N MET A 299 -15.63 3.84 -0.46
CA MET A 299 -14.38 4.01 0.28
C MET A 299 -14.36 3.25 1.64
N ASP A 300 -15.40 2.43 1.91
CA ASP A 300 -15.40 1.61 3.13
C ASP A 300 -14.76 0.29 2.84
N TYR A 301 -13.99 -0.24 3.81
CA TYR A 301 -13.44 -1.60 3.72
C TYR A 301 -14.61 -2.60 3.68
N HIS A 302 -14.49 -3.65 2.86
CA HIS A 302 -15.51 -4.69 2.65
C HIS A 302 -16.65 -4.26 1.70
N PHE A 303 -16.83 -2.96 1.34
CA PHE A 303 -17.92 -2.62 0.41
C PHE A 303 -17.54 -3.01 -1.03
N THR A 304 -18.37 -3.83 -1.68
CA THR A 304 -18.13 -4.29 -3.04
C THR A 304 -19.45 -4.69 -3.73
N THR A 305 -19.51 -4.55 -5.05
CA THR A 305 -20.65 -5.05 -5.83
C THR A 305 -20.22 -6.29 -6.65
N ALA A 306 -19.00 -6.83 -6.43
CA ALA A 306 -18.53 -8.00 -7.17
C ALA A 306 -19.05 -9.28 -6.54
N GLU A 307 -19.11 -10.36 -7.33
CA GLU A 307 -19.60 -11.65 -6.82
C GLU A 307 -18.44 -12.53 -6.36
N GLY A 331 0.40 -8.87 1.93
CA GLY A 331 -0.19 -7.94 2.90
C GLY A 331 -1.65 -7.64 2.62
N PRO A 332 -1.94 -6.51 1.95
CA PRO A 332 -3.35 -6.19 1.67
C PRO A 332 -3.92 -6.99 0.51
N MET A 333 -5.16 -7.46 0.65
CA MET A 333 -5.84 -8.23 -0.39
C MET A 333 -6.25 -7.34 -1.57
N HIS A 334 -6.47 -7.97 -2.74
CA HIS A 334 -6.92 -7.23 -3.90
C HIS A 334 -8.44 -7.24 -4.09
N GLY A 335 -9.15 -8.17 -3.49
CA GLY A 335 -10.60 -8.20 -3.58
C GLY A 335 -11.27 -7.88 -2.26
N PHE A 336 -12.53 -8.30 -2.14
CA PHE A 336 -13.37 -8.15 -0.94
C PHE A 336 -13.51 -6.69 -0.46
N GLY A 337 -13.60 -5.73 -1.38
CA GLY A 337 -13.80 -4.33 -1.03
C GLY A 337 -12.63 -3.63 -0.38
N PHE A 338 -11.43 -4.16 -0.58
CA PHE A 338 -10.21 -3.55 -0.03
C PHE A 338 -9.55 -2.54 -0.96
N GLY A 339 -9.81 -2.67 -2.25
CA GLY A 339 -9.15 -1.89 -3.31
C GLY A 339 -9.07 -0.40 -3.14
N LEU A 340 -10.20 0.27 -3.16
CA LEU A 340 -10.25 1.72 -3.03
C LEU A 340 -9.75 2.25 -1.67
N PRO A 341 -10.26 1.77 -0.50
CA PRO A 341 -9.74 2.31 0.77
C PRO A 341 -8.22 2.07 0.93
N THR A 342 -7.70 0.92 0.48
CA THR A 342 -6.25 0.64 0.58
C THR A 342 -5.49 1.59 -0.35
N SER A 343 -5.94 1.70 -1.62
CA SER A 343 -5.28 2.59 -2.57
C SER A 343 -5.27 4.04 -2.09
N ARG A 344 -6.39 4.52 -1.49
CA ARG A 344 -6.42 5.90 -0.98
C ARG A 344 -5.47 6.06 0.23
N ALA A 345 -5.50 5.10 1.17
CA ALA A 345 -4.60 5.15 2.35
C ALA A 345 -3.13 5.23 1.90
N TYR A 346 -2.77 4.43 0.88
CA TYR A 346 -1.42 4.40 0.31
C TYR A 346 -1.09 5.73 -0.38
N ALA A 347 -2.00 6.26 -1.22
CA ALA A 347 -1.75 7.52 -1.90
C ALA A 347 -1.54 8.67 -0.90
N GLU A 348 -2.36 8.76 0.15
CA GLU A 348 -2.24 9.83 1.14
C GLU A 348 -1.00 9.69 2.02
N TYR A 349 -0.60 8.44 2.32
CA TYR A 349 0.61 8.18 3.10
C TYR A 349 1.84 8.67 2.32
N LEU A 350 1.81 8.53 1.00
CA LEU A 350 2.91 8.97 0.15
C LEU A 350 2.90 10.47 -0.19
N GLY A 351 1.97 11.23 0.38
CA GLY A 351 1.90 12.66 0.16
C GLY A 351 1.03 13.11 -1.00
N GLY A 352 0.22 12.20 -1.54
CA GLY A 352 -0.68 12.51 -2.65
C GLY A 352 -2.13 12.24 -2.29
N SER A 353 -2.93 11.72 -3.24
CA SER A 353 -4.35 11.48 -2.99
C SER A 353 -5.01 10.57 -4.03
N LEU A 354 -6.23 10.13 -3.76
CA LEU A 354 -7.00 9.30 -4.70
C LEU A 354 -8.39 9.87 -4.70
N GLN A 355 -8.77 10.52 -5.81
CA GLN A 355 -10.06 11.18 -5.94
C GLN A 355 -10.91 10.61 -7.06
N LEU A 356 -12.20 10.51 -6.82
CA LEU A 356 -13.12 9.89 -7.75
C LEU A 356 -14.17 10.87 -8.22
N GLN A 357 -14.47 10.85 -9.53
CA GLN A 357 -15.53 11.67 -10.11
C GLN A 357 -16.45 10.73 -10.86
N SER A 358 -17.68 10.57 -10.37
CA SER A 358 -18.63 9.66 -10.98
C SER A 358 -19.61 10.38 -11.87
N LEU A 359 -19.77 9.89 -13.11
CA LEU A 359 -20.74 10.44 -14.04
C LEU A 359 -21.76 9.31 -14.23
N GLN A 360 -22.77 9.24 -13.35
CA GLN A 360 -23.72 8.14 -13.33
C GLN A 360 -24.45 7.99 -14.62
N GLY A 361 -24.37 6.81 -15.21
CA GLY A 361 -24.95 6.51 -16.51
C GLY A 361 -23.91 6.48 -17.61
N ILE A 362 -22.72 7.07 -17.38
CA ILE A 362 -21.67 7.13 -18.38
C ILE A 362 -20.37 6.45 -17.94
N GLY A 363 -19.75 6.89 -16.85
CA GLY A 363 -18.46 6.35 -16.44
C GLY A 363 -17.89 7.04 -15.22
N THR A 364 -16.60 6.80 -14.94
CA THR A 364 -15.94 7.36 -13.77
C THR A 364 -14.52 7.80 -14.17
N ASP A 365 -14.05 8.91 -13.59
CA ASP A 365 -12.67 9.34 -13.74
C ASP A 365 -12.05 9.18 -12.37
N VAL A 366 -10.93 8.45 -12.30
CA VAL A 366 -10.20 8.21 -11.06
C VAL A 366 -8.86 8.94 -11.16
N TYR A 367 -8.56 9.80 -10.17
CA TYR A 367 -7.35 10.59 -10.18
C TYR A 367 -6.42 10.15 -9.07
N LEU A 368 -5.28 9.60 -9.45
CA LEU A 368 -4.26 9.20 -8.50
C LEU A 368 -3.20 10.29 -8.59
N ARG A 369 -2.91 10.95 -7.46
CA ARG A 369 -1.90 12.00 -7.46
C ARG A 369 -0.79 11.58 -6.54
N LEU A 370 0.44 11.71 -6.99
CA LEU A 370 1.58 11.34 -6.17
C LEU A 370 2.66 12.42 -6.19
N ARG A 371 3.11 12.76 -5.01
CA ARG A 371 4.09 13.81 -4.78
C ARG A 371 5.47 13.45 -5.33
N HIS A 372 6.14 14.42 -5.97
CA HIS A 372 7.49 14.20 -6.46
C HIS A 372 8.48 14.11 -5.28
N ILE A 373 9.63 13.50 -5.52
CA ILE A 373 10.66 13.42 -4.48
C ILE A 373 11.42 14.75 -4.36
N ASP A 374 12.14 15.20 -5.40
CA ASP A 374 12.90 16.46 -5.30
C ASP A 374 12.05 17.71 -5.47
PB ADP B . -13.62 -4.47 -5.15
O1B ADP B . -12.77 -4.29 -6.38
O2B ADP B . -13.04 -5.67 -4.36
O3B ADP B . -15.09 -4.61 -5.46
PA ADP B . -12.95 -1.67 -4.54
O1A ADP B . -11.79 -1.65 -5.47
O2A ADP B . -12.73 -1.02 -3.22
O3A ADP B . -13.35 -3.20 -4.24
O5' ADP B . -14.31 -1.02 -5.16
C5' ADP B . -15.53 -0.97 -4.41
C4' ADP B . -16.68 -0.88 -5.37
O4' ADP B . -16.65 0.41 -6.04
C3' ADP B . -16.69 -1.86 -6.53
O3' ADP B . -17.14 -3.17 -6.23
C2' ADP B . -17.62 -1.17 -7.52
O2' ADP B . -18.96 -1.32 -7.09
C1' ADP B . -17.24 0.31 -7.32
N9 ADP B . -16.31 0.83 -8.32
C8 ADP B . -14.97 1.07 -8.15
N7 ADP B . -14.40 1.62 -9.20
C5 ADP B . -15.43 1.75 -10.11
C6 ADP B . -15.48 2.21 -11.44
N6 ADP B . -14.38 2.57 -12.13
N1 ADP B . -16.67 2.20 -12.07
C2 ADP B . -17.73 1.71 -11.43
N3 ADP B . -17.81 1.22 -10.19
C4 ADP B . -16.62 1.27 -9.58
C14 U35 C . 5.57 -7.96 7.85
C11 U35 C . 11.49 -6.92 9.95
C10 U35 C . 9.99 -7.07 9.83
C12 U35 C . 4.96 -6.71 9.97
C13 U35 C . 5.22 -6.76 8.48
C02 U35 C . 4.15 -9.62 10.43
C04 U35 C . 4.87 -8.74 11.46
C06 U35 C . 7.02 -7.62 11.02
C08 U35 C . 7.73 -6.33 10.68
C09 U35 C . 9.24 -6.36 10.92
C15 U35 C . 5.59 -8.07 6.47
C16 U35 C . 5.27 -6.98 5.65
C17 U35 C . 5.23 -7.14 4.18
C18 U35 C . 6.34 -7.71 3.54
C19 U35 C . 6.30 -8.03 2.19
C20 U35 C . 5.18 -7.76 1.44
C21 U35 C . 4.08 -7.15 2.04
C22 U35 C . 4.09 -6.84 3.39
C23 U35 C . 2.90 -6.19 3.94
C28 U35 C . 4.98 -5.77 6.28
C29 U35 C . 4.94 -5.67 7.66
C30 U35 C . 3.89 -8.19 12.53
C31 U35 C . 3.24 -9.31 13.35
C32 U35 C . 4.58 -7.20 13.46
N05 U35 C . 5.67 -7.70 10.78
N24 U35 C . 2.44 -4.98 3.58
N25 U35 C . 1.28 -4.76 4.22
N26 U35 C . 1.05 -5.80 4.96
N27 U35 C . 2.04 -6.72 4.81
O01 U35 C . 4.50 -10.75 10.13
O03 U35 C . 3.09 -9.03 9.93
O07 U35 C . 7.61 -8.55 11.55
H1 U35 C . 5.85 -8.83 8.43
H2 U35 C . 11.80 -5.87 9.92
H3 U35 C . 12.03 -7.42 9.15
H4 U35 C . 11.87 -7.31 10.89
H5 U35 C . 9.73 -8.12 9.82
H6 U35 C . 9.67 -6.69 8.85
H7 U35 C . 5.17 -5.69 10.29
H8 U35 C . 3.87 -6.80 10.08
H9 U35 C . 5.49 -9.48 12.00
H10 U35 C . 7.30 -5.49 11.23
H11 U35 C . 7.56 -6.10 9.63
H12 U35 C . 9.61 -5.34 11.01
H13 U35 C . 9.47 -6.81 11.89
H14 U35 C . 5.85 -9.02 6.02
H15 U35 C . 7.23 -7.92 4.12
H16 U35 C . 7.17 -8.49 1.71
H17 U35 C . 5.15 -8.01 0.39
H18 U35 C . 3.21 -6.95 1.41
H19 U35 C . 4.75 -4.90 5.67
H20 U35 C . 4.69 -4.69 8.08
H21 U35 C . 3.07 -7.67 12.05
H22 U35 C . 2.56 -9.93 12.77
H23 U35 C . 2.64 -8.90 14.17
H24 U35 C . 3.96 -9.97 13.81
H25 U35 C . 5.59 -7.52 13.75
H26 U35 C . 4.05 -6.99 14.38
H27 U35 C . 4.72 -6.24 12.97
C14 U35 D . 6.87 7.95 2.64
C11 U35 D . 7.55 16.31 0.69
C10 U35 D . 8.28 15.00 0.88
C12 U35 D . 6.22 10.28 3.37
C13 U35 D . 7.22 9.15 3.24
C02 U35 D . 7.87 12.65 4.48
C04 U35 D . 6.68 12.75 3.53
C06 U35 D . 6.97 11.50 1.39
C08 U35 D . 8.04 12.46 0.90
C09 U35 D . 7.47 13.79 0.43
C15 U35 D . 7.77 6.92 2.53
C16 U35 D . 9.06 7.02 3.04
C17 U35 D . 10.04 5.92 2.89
C18 U35 D . 10.64 5.72 1.65
C19 U35 D . 11.52 4.68 1.42
C20 U35 D . 11.83 3.81 2.44
C21 U35 D . 11.27 3.98 3.70
C22 U35 D . 10.37 5.02 3.93
C23 U35 D . 9.79 5.12 5.28
C28 U35 D . 9.42 8.23 3.64
C29 U35 D . 8.51 9.28 3.74
C30 U35 D . 5.35 13.14 4.25
C31 U35 D . 4.23 13.31 3.22
C32 U35 D . 5.53 14.41 5.07
N05 U35 D . 6.63 11.51 2.71
N24 U35 D . 8.48 5.16 5.55
N25 U35 D . 8.31 5.12 6.89
N26 U35 D . 9.51 5.08 7.40
N27 U35 D . 10.45 5.09 6.42
O01 U35 D . 8.99 13.06 4.22
O03 U35 D . 7.56 12.04 5.61
O07 U35 D . 6.44 10.72 0.62
H1 U35 D . 5.86 7.80 2.24
H2 U35 D . 6.62 16.35 1.24
H3 U35 D . 8.13 17.17 1.01
H4 U35 D . 7.29 16.48 -0.36
H5 U35 D . 8.57 14.90 1.92
H6 U35 D . 9.22 15.03 0.34
H7 U35 D . 5.27 9.93 2.98
H8 U35 D . 6.06 10.40 4.44
H9 U35 D . 6.93 13.62 2.95
H10 U35 D . 8.61 12.01 0.10
H11 U35 D . 8.76 12.62 1.70
H12 U35 D . 7.42 13.78 -0.66
H13 U35 D . 6.42 13.89 0.73
H14 U35 D . 7.48 5.99 2.04
H15 U35 D . 10.42 6.42 0.83
H16 U35 D . 11.96 4.55 0.45
H17 U35 D . 12.50 2.98 2.27
H18 U35 D . 11.56 3.28 4.49
H19 U35 D . 10.42 8.36 4.04
H20 U35 D . 8.87 10.19 4.22
H21 U35 D . 5.03 12.35 4.92
H22 U35 D . 3.30 13.67 3.67
H23 U35 D . 3.99 12.38 2.73
H24 U35 D . 4.50 14.02 2.44
H25 U35 D . 4.58 14.93 5.24
H26 U35 D . 6.21 15.13 4.63
H27 U35 D . 5.92 14.19 6.06
S SO4 E . 4.06 4.82 12.45
O1 SO4 E . 5.26 5.59 12.19
O2 SO4 E . 3.60 4.24 11.19
O3 SO4 E . 4.32 3.74 13.40
O4 SO4 E . 3.03 5.73 13.01
#